data_1EXY
#
_entry.id   1EXY
#
_cell.length_a   1.000
_cell.length_b   1.000
_cell.length_c   1.000
_cell.angle_alpha   90.00
_cell.angle_beta   90.00
_cell.angle_gamma   90.00
#
_symmetry.space_group_name_H-M   'P 1'
#
loop_
_entity.id
_entity.type
_entity.pdbx_description
1 polymer 'RNA APTAMER, 33-MER'
2 polymer 'HTLV-1 REX PEPTIDE'
#
loop_
_entity_poly.entity_id
_entity_poly.type
_entity_poly.pdbx_seq_one_letter_code
_entity_poly.pdbx_strand_id
1 'polyribonucleotide' GGGCGCCGGUACGCAAGUACGACGGUACGCUCC A
2 'polypeptide(L)' MPKTRRRPRRSQRKRP B
#
loop_
_chem_comp.id
_chem_comp.type
_chem_comp.name
_chem_comp.formula
A RNA linking ADENOSINE-5'-MONOPHOSPHATE 'C10 H14 N5 O7 P'
C RNA linking CYTIDINE-5'-MONOPHOSPHATE 'C9 H14 N3 O8 P'
G RNA linking GUANOSINE-5'-MONOPHOSPHATE 'C10 H14 N5 O8 P'
U RNA linking URIDINE-5'-MONOPHOSPHATE 'C9 H13 N2 O9 P'
#
# COMPACT_ATOMS: atom_id res chain seq x y z
N MET B 1 5.27 15.87 8.48
CA MET B 1 4.92 14.53 7.93
C MET B 1 4.80 14.54 6.40
N PRO B 2 5.28 13.49 5.67
CA PRO B 2 5.15 13.46 4.19
C PRO B 2 3.69 13.35 3.70
N LYS B 3 3.47 13.41 2.35
CA LYS B 3 2.18 13.33 1.65
C LYS B 3 1.48 12.00 1.93
N THR B 4 0.11 12.05 2.01
CA THR B 4 -0.75 10.91 2.26
C THR B 4 -1.02 10.18 0.96
N ARG B 5 -0.75 8.86 1.07
CA ARG B 5 -0.80 7.82 0.09
C ARG B 5 -1.98 6.85 0.30
N ARG B 6 -2.20 5.94 -0.71
CA ARG B 6 -3.24 4.94 -0.68
C ARG B 6 -2.68 3.55 -0.88
N ARG B 7 -2.14 3.13 -2.11
CA ARG B 7 -1.62 1.78 -2.29
C ARG B 7 -0.45 1.54 -1.34
N PRO B 8 -0.55 0.44 -0.56
CA PRO B 8 0.36 0.21 0.55
C PRO B 8 1.71 -0.41 0.16
N ARG B 9 2.47 -0.65 1.24
CA ARG B 9 3.80 -1.18 1.37
C ARG B 9 3.72 -2.57 0.87
N ARG B 10 4.29 -2.68 -0.32
CA ARG B 10 4.45 -3.76 -1.24
C ARG B 10 4.15 -5.16 -0.71
N SER B 11 4.74 -5.51 0.48
CA SER B 11 4.59 -6.71 1.27
C SER B 11 3.16 -7.26 1.44
N GLN B 12 2.18 -6.32 1.42
CA GLN B 12 0.74 -6.46 1.60
C GLN B 12 0.03 -6.94 0.34
N ARG B 13 0.40 -6.36 -0.82
CA ARG B 13 -0.08 -6.54 -2.16
C ARG B 13 0.31 -7.93 -2.60
N LYS B 14 -0.68 -8.82 -2.44
CA LYS B 14 -0.71 -10.22 -2.67
C LYS B 14 -1.25 -10.41 -4.07
N ARG B 15 -2.55 -10.72 -4.14
CA ARG B 15 -3.40 -10.96 -5.29
C ARG B 15 -3.51 -9.70 -6.15
N PRO B 16 -3.11 -9.71 -7.46
CA PRO B 16 -3.25 -8.51 -8.30
C PRO B 16 -4.72 -8.22 -8.59
N MET B 1 -9.40 16.06 4.10
CA MET B 1 -8.93 14.72 3.65
C MET B 1 -7.49 14.39 4.07
N PRO B 2 -7.08 13.07 4.15
CA PRO B 2 -5.68 12.74 4.50
C PRO B 2 -4.68 13.11 3.40
N LYS B 3 -3.38 13.26 3.77
CA LYS B 3 -2.26 13.65 2.92
C LYS B 3 -1.46 12.51 2.31
N THR B 4 -1.39 11.43 3.08
CA THR B 4 -0.74 10.15 2.95
C THR B 4 -1.11 9.36 1.68
N ARG B 5 -0.18 8.43 1.35
CA ARG B 5 -0.18 7.50 0.23
C ARG B 5 -1.16 6.35 0.49
N ARG B 6 -1.97 5.98 -0.56
CA ARG B 6 -3.00 4.95 -0.49
C ARG B 6 -2.52 3.52 -0.69
N ARG B 7 -1.99 3.09 -1.92
CA ARG B 7 -1.54 1.72 -2.14
C ARG B 7 -0.46 1.34 -1.13
N PRO B 8 -0.76 0.35 -0.26
CA PRO B 8 0.14 -0.03 0.84
C PRO B 8 1.44 -0.70 0.44
N ARG B 9 2.31 -0.82 1.48
CA ARG B 9 3.65 -1.34 1.55
C ARG B 9 3.60 -2.75 1.12
N ARG B 10 4.24 -2.87 -0.04
CA ARG B 10 4.48 -3.96 -0.91
C ARG B 10 4.23 -5.35 -0.36
N SER B 11 4.84 -5.67 0.81
CA SER B 11 4.73 -6.89 1.60
C SER B 11 3.33 -7.48 1.72
N GLN B 12 2.32 -6.56 1.79
CA GLN B 12 0.90 -6.75 1.92
C GLN B 12 0.27 -7.16 0.60
N ARG B 13 0.61 -6.41 -0.52
CA ARG B 13 0.12 -6.56 -1.85
C ARG B 13 0.72 -7.80 -2.44
N LYS B 14 -0.17 -8.78 -2.57
CA LYS B 14 0.05 -10.09 -3.11
C LYS B 14 -0.33 -9.93 -4.59
N ARG B 15 0.70 -9.54 -5.39
CA ARG B 15 0.64 -9.27 -6.82
C ARG B 15 1.13 -10.53 -7.57
N PRO B 16 0.31 -11.15 -8.47
CA PRO B 16 0.77 -12.33 -9.22
C PRO B 16 1.90 -11.99 -10.18
N MET B 1 -10.77 8.14 6.36
CA MET B 1 -10.08 6.92 6.86
C MET B 1 -8.66 6.76 6.31
N PRO B 2 -8.37 6.73 4.96
CA PRO B 2 -6.98 6.55 4.49
C PRO B 2 -6.05 7.73 4.76
N LYS B 3 -4.72 7.44 4.86
CA LYS B 3 -3.61 8.35 5.09
C LYS B 3 -3.23 9.08 3.77
N THR B 4 -2.02 9.72 3.72
CA THR B 4 -1.47 10.46 2.59
C THR B 4 -1.36 9.60 1.32
N ARG B 5 -0.67 8.44 1.40
CA ARG B 5 -0.42 7.46 0.35
C ARG B 5 -1.37 6.28 0.49
N ARG B 6 -2.07 5.90 -0.64
CA ARG B 6 -3.04 4.82 -0.68
C ARG B 6 -2.49 3.43 -0.96
N ARG B 7 -1.99 3.05 -2.22
CA ARG B 7 -1.50 1.69 -2.45
C ARG B 7 -0.33 1.40 -1.50
N PRO B 8 -0.46 0.33 -0.69
CA PRO B 8 0.49 0.05 0.39
C PRO B 8 1.82 -0.59 0.01
N ARG B 9 2.61 -0.78 1.08
CA ARG B 9 3.91 -1.34 1.31
C ARG B 9 3.74 -2.77 0.99
N ARG B 10 4.35 -3.06 -0.15
CA ARG B 10 4.41 -4.24 -0.92
C ARG B 10 4.11 -5.59 -0.30
N SER B 11 4.66 -5.83 0.93
CA SER B 11 4.50 -6.98 1.80
C SER B 11 3.08 -7.49 2.00
N GLN B 12 2.11 -6.57 1.81
CA GLN B 12 0.69 -6.67 1.94
C GLN B 12 0.07 -7.19 0.65
N ARG B 13 0.40 -6.54 -0.50
CA ARG B 13 -0.07 -6.83 -1.81
C ARG B 13 0.52 -8.13 -2.26
N LYS B 14 -0.43 -9.07 -2.37
CA LYS B 14 -0.36 -10.44 -2.74
C LYS B 14 -0.66 -10.72 -4.22
N ARG B 15 -1.24 -9.71 -4.91
CA ARG B 15 -1.59 -9.61 -6.33
C ARG B 15 -0.47 -8.90 -7.12
N PRO B 16 -0.40 -9.02 -8.48
CA PRO B 16 0.67 -8.35 -9.26
C PRO B 16 0.71 -6.84 -9.06
N MET B 1 -2.28 4.56 3.01
CA MET B 1 -1.54 5.23 4.13
C MET B 1 -2.33 6.39 4.75
N PRO B 2 -2.02 6.84 6.00
CA PRO B 2 -2.74 7.98 6.62
C PRO B 2 -2.63 9.32 5.87
N LYS B 3 -1.59 9.51 5.00
CA LYS B 3 -1.31 10.66 4.18
C LYS B 3 -2.12 10.58 2.87
N THR B 4 -1.78 11.44 1.85
CA THR B 4 -2.35 11.55 0.52
C THR B 4 -2.30 10.23 -0.26
N ARG B 5 -1.15 9.51 -0.16
CA ARG B 5 -0.80 8.25 -0.78
C ARG B 5 -1.65 7.10 -0.24
N ARG B 6 -2.06 6.17 -1.15
CA ARG B 6 -2.98 5.08 -0.84
C ARG B 6 -2.44 3.67 -0.93
N ARG B 7 -1.99 3.14 -2.12
CA ARG B 7 -1.50 1.75 -2.25
C ARG B 7 -0.38 1.44 -1.25
N PRO B 8 -0.55 0.39 -0.42
CA PRO B 8 0.39 0.09 0.67
C PRO B 8 1.72 -0.54 0.28
N ARG B 9 2.53 -0.78 1.33
CA ARG B 9 3.86 -1.32 1.42
C ARG B 9 3.79 -2.72 0.96
N ARG B 10 4.30 -2.82 -0.27
CA ARG B 10 4.43 -3.92 -1.15
C ARG B 10 4.19 -5.32 -0.59
N SER B 11 4.88 -5.68 0.53
CA SER B 11 4.83 -6.90 1.31
C SER B 11 3.44 -7.47 1.58
N GLN B 12 2.45 -6.55 1.69
CA GLN B 12 1.03 -6.70 1.93
C GLN B 12 0.32 -7.19 0.69
N ARG B 13 0.58 -6.51 -0.46
CA ARG B 13 0.03 -6.68 -1.78
C ARG B 13 0.57 -7.99 -2.29
N LYS B 14 -0.36 -8.94 -2.29
CA LYS B 14 -0.27 -10.32 -2.65
C LYS B 14 -0.70 -10.44 -4.11
N ARG B 15 0.24 -11.02 -4.92
CA ARG B 15 0.13 -11.26 -6.34
C ARG B 15 -0.39 -12.69 -6.59
N PRO B 16 -1.44 -12.89 -7.45
CA PRO B 16 -1.99 -14.24 -7.67
C PRO B 16 -2.63 -14.81 -6.42
N MET B 1 3.64 15.42 8.10
CA MET B 1 3.01 16.63 7.51
C MET B 1 2.27 16.32 6.20
N PRO B 2 2.87 15.75 5.09
CA PRO B 2 2.09 15.45 3.88
C PRO B 2 1.04 14.34 4.09
N LYS B 3 0.02 14.26 3.20
CA LYS B 3 -1.07 13.30 3.23
C LYS B 3 -0.57 11.90 2.86
N THR B 4 -1.21 10.86 3.47
CA THR B 4 -0.93 9.45 3.34
C THR B 4 -1.17 8.92 1.93
N ARG B 5 -0.33 7.90 1.57
CA ARG B 5 -0.31 7.17 0.33
C ARG B 5 -1.22 5.96 0.49
N ARG B 6 -2.11 5.71 -0.53
CA ARG B 6 -3.10 4.65 -0.53
C ARG B 6 -2.59 3.23 -0.70
N ARG B 7 -2.11 2.77 -1.93
CA ARG B 7 -1.64 1.39 -2.11
C ARG B 7 -0.48 1.11 -1.15
N PRO B 8 -0.66 0.09 -0.27
CA PRO B 8 0.28 -0.19 0.82
C PRO B 8 1.60 -0.81 0.43
N ARG B 9 2.46 -0.90 1.47
CA ARG B 9 3.83 -1.39 1.56
C ARG B 9 3.79 -2.78 1.08
N ARG B 10 4.24 -2.83 -0.18
CA ARG B 10 4.35 -3.87 -1.12
C ARG B 10 4.12 -5.28 -0.57
N SER B 11 4.89 -5.70 0.46
CA SER B 11 4.86 -6.95 1.18
C SER B 11 3.48 -7.63 1.36
N GLN B 12 2.45 -6.78 1.61
CA GLN B 12 1.04 -7.03 1.85
C GLN B 12 0.25 -7.54 0.66
N ARG B 13 0.49 -6.95 -0.54
CA ARG B 13 -0.28 -7.12 -1.73
C ARG B 13 -0.08 -8.37 -2.57
N LYS B 14 0.40 -8.13 -3.80
CA LYS B 14 0.65 -8.93 -4.96
C LYS B 14 1.59 -10.13 -4.76
N ARG B 15 1.03 -11.23 -4.18
CA ARG B 15 1.72 -12.49 -3.90
C ARG B 15 1.55 -13.45 -5.09
N PRO B 16 2.64 -14.02 -5.66
CA PRO B 16 2.50 -14.97 -6.80
C PRO B 16 1.74 -16.23 -6.42
N MET B 1 -8.22 10.66 5.97
CA MET B 1 -7.19 9.85 6.69
C MET B 1 -5.94 10.65 7.07
N PRO B 2 -5.21 10.29 8.18
CA PRO B 2 -3.98 11.04 8.55
C PRO B 2 -2.80 10.84 7.57
N LYS B 3 -2.81 9.77 6.72
CA LYS B 3 -1.79 9.42 5.73
C LYS B 3 -2.03 10.19 4.42
N THR B 4 -0.96 10.30 3.59
CA THR B 4 -0.91 10.95 2.30
C THR B 4 -1.25 9.96 1.18
N ARG B 5 -0.45 8.86 1.07
CA ARG B 5 -0.52 7.80 0.08
C ARG B 5 -1.46 6.64 0.49
N ARG B 6 -2.10 6.02 -0.54
CA ARG B 6 -3.07 4.93 -0.46
C ARG B 6 -2.48 3.53 -0.60
N ARG B 7 -2.03 3.04 -1.82
CA ARG B 7 -1.53 1.67 -2.01
C ARG B 7 -0.43 1.33 -1.00
N PRO B 8 -0.68 0.33 -0.14
CA PRO B 8 0.24 -0.02 0.94
C PRO B 8 1.55 -0.65 0.51
N ARG B 9 2.41 -0.84 1.52
CA ARG B 9 3.76 -1.35 1.54
C ARG B 9 3.72 -2.72 1.03
N ARG B 10 4.31 -2.75 -0.17
CA ARG B 10 4.54 -3.76 -1.12
C ARG B 10 4.20 -5.18 -0.67
N SER B 11 4.89 -5.64 0.41
CA SER B 11 4.80 -6.91 1.11
C SER B 11 3.40 -7.53 1.23
N GLN B 12 2.41 -6.64 1.47
CA GLN B 12 1.00 -6.84 1.69
C GLN B 12 0.12 -7.06 0.47
N ARG B 13 0.54 -6.55 -0.73
CA ARG B 13 -0.22 -6.48 -1.92
C ARG B 13 -0.43 -7.83 -2.54
N LYS B 14 0.36 -8.13 -3.59
CA LYS B 14 0.37 -9.28 -4.42
C LYS B 14 0.86 -10.50 -3.63
N ARG B 15 -0.12 -11.26 -3.05
CA ARG B 15 0.08 -12.46 -2.26
C ARG B 15 -0.37 -13.68 -3.08
N PRO B 16 0.52 -14.67 -3.37
CA PRO B 16 0.10 -15.87 -4.12
C PRO B 16 -0.91 -16.71 -3.34
N MET B 1 -8.27 12.70 3.94
CA MET B 1 -8.07 11.77 5.10
C MET B 1 -6.70 11.92 5.76
N PRO B 2 -6.47 11.37 7.01
CA PRO B 2 -5.14 11.47 7.67
C PRO B 2 -3.96 10.86 6.91
N LYS B 3 -4.21 9.86 6.01
CA LYS B 3 -3.21 9.20 5.19
C LYS B 3 -3.00 10.00 3.90
N THR B 4 -1.71 10.01 3.45
CA THR B 4 -1.21 10.65 2.26
C THR B 4 -1.24 9.67 1.08
N ARG B 5 -0.66 8.45 1.29
CA ARG B 5 -0.56 7.36 0.34
C ARG B 5 -1.63 6.31 0.54
N ARG B 6 -2.01 5.61 -0.58
CA ARG B 6 -3.03 4.58 -0.64
C ARG B 6 -2.47 3.20 -0.86
N ARG B 7 -1.96 2.84 -2.11
CA ARG B 7 -1.45 1.48 -2.34
C ARG B 7 -0.26 1.24 -1.39
N PRO B 8 -0.41 0.26 -0.47
CA PRO B 8 0.53 0.04 0.61
C PRO B 8 1.86 -0.60 0.27
N ARG B 9 2.65 -0.73 1.36
CA ARG B 9 3.97 -1.28 1.56
C ARG B 9 3.82 -2.71 1.22
N ARG B 10 4.38 -2.96 0.05
CA ARG B 10 4.44 -4.12 -0.76
C ARG B 10 4.14 -5.48 -0.18
N SER B 11 4.69 -5.77 1.04
CA SER B 11 4.55 -6.95 1.87
C SER B 11 3.12 -7.48 2.04
N GLN B 12 2.15 -6.56 1.87
CA GLN B 12 0.73 -6.66 1.98
C GLN B 12 0.14 -7.17 0.68
N ARG B 13 0.45 -6.47 -0.45
CA ARG B 13 0.00 -6.74 -1.78
C ARG B 13 0.68 -7.98 -2.29
N LYS B 14 -0.24 -8.89 -2.58
CA LYS B 14 -0.15 -10.22 -3.08
C LYS B 14 -0.62 -10.13 -4.53
N ARG B 15 0.31 -10.55 -5.43
CA ARG B 15 0.19 -10.56 -6.88
C ARG B 15 -0.79 -11.61 -7.40
N PRO B 16 -0.61 -12.94 -7.24
CA PRO B 16 -1.57 -13.94 -7.74
C PRO B 16 -2.87 -13.91 -6.94
N MET B 1 -0.90 22.23 0.52
CA MET B 1 0.15 21.19 0.26
C MET B 1 -0.39 19.79 -0.06
N PRO B 2 0.39 18.88 -0.71
CA PRO B 2 -0.10 17.53 -1.03
C PRO B 2 -0.46 16.64 0.17
N LYS B 3 -1.34 15.63 -0.09
CA LYS B 3 -1.84 14.63 0.85
C LYS B 3 -0.95 13.38 0.86
N THR B 4 -1.09 12.54 1.93
CA THR B 4 -0.39 11.29 2.16
C THR B 4 -0.82 10.22 1.16
N ARG B 5 0.11 9.26 0.92
CA ARG B 5 0.00 8.14 0.00
C ARG B 5 -1.04 7.10 0.42
N ARG B 6 -1.62 6.41 -0.60
CA ARG B 6 -2.67 5.40 -0.48
C ARG B 6 -2.10 4.00 -0.53
N ARG B 7 -1.92 3.32 -1.73
CA ARG B 7 -1.44 1.95 -1.89
C ARG B 7 -0.37 1.49 -0.91
N PRO B 8 -0.66 0.39 -0.16
CA PRO B 8 0.24 -0.07 0.89
C PRO B 8 1.53 -0.67 0.39
N ARG B 9 2.38 -0.97 1.39
CA ARG B 9 3.73 -1.48 1.43
C ARG B 9 3.67 -2.81 0.86
N ARG B 10 4.20 -2.80 -0.36
CA ARG B 10 4.38 -3.79 -1.35
C ARG B 10 4.08 -5.21 -0.92
N SER B 11 4.81 -5.74 0.10
CA SER B 11 4.70 -7.05 0.67
C SER B 11 3.30 -7.62 0.89
N GLN B 12 2.35 -6.72 1.26
CA GLN B 12 0.95 -6.94 1.55
C GLN B 12 0.08 -7.27 0.35
N ARG B 13 0.45 -6.71 -0.84
CA ARG B 13 -0.29 -6.70 -2.07
C ARG B 13 -0.36 -8.07 -2.75
N LYS B 14 0.03 -8.07 -4.02
CA LYS B 14 0.12 -9.06 -5.06
C LYS B 14 1.11 -10.15 -4.65
N ARG B 15 0.54 -11.28 -4.15
CA ARG B 15 1.23 -12.47 -3.66
C ARG B 15 1.35 -13.47 -4.82
N PRO B 16 2.59 -13.90 -5.21
CA PRO B 16 2.73 -14.87 -6.31
C PRO B 16 2.22 -16.26 -5.92
N MET B 1 -4.85 19.18 4.36
CA MET B 1 -5.51 17.91 3.93
C MET B 1 -4.58 16.69 3.94
N PRO B 2 -5.11 15.44 4.06
CA PRO B 2 -4.25 14.23 4.03
C PRO B 2 -3.53 14.01 2.69
N LYS B 3 -2.44 13.18 2.71
CA LYS B 3 -1.60 12.83 1.57
C LYS B 3 -2.40 12.05 0.53
N THR B 4 -2.07 12.28 -0.77
CA THR B 4 -2.63 11.71 -1.99
C THR B 4 -2.66 10.18 -2.01
N ARG B 5 -1.50 9.57 -1.65
CA ARG B 5 -1.09 8.19 -1.59
C ARG B 5 -2.00 7.27 -0.79
N ARG B 6 -2.18 6.03 -1.35
CA ARG B 6 -3.00 4.98 -0.78
C ARG B 6 -2.43 3.58 -0.94
N ARG B 7 -2.01 3.09 -2.18
CA ARG B 7 -1.51 1.72 -2.34
C ARG B 7 -0.38 1.38 -1.38
N PRO B 8 -0.55 0.29 -0.57
CA PRO B 8 0.42 -0.05 0.46
C PRO B 8 1.73 -0.65 -0.02
N ARG B 9 2.58 -0.86 0.99
CA ARG B 9 3.93 -1.33 1.13
C ARG B 9 3.90 -2.73 0.67
N ARG B 10 4.42 -2.84 -0.55
CA ARG B 10 4.56 -3.94 -1.43
C ARG B 10 4.41 -5.34 -0.81
N SER B 11 5.15 -5.61 0.32
CA SER B 11 5.17 -6.80 1.15
C SER B 11 3.81 -7.43 1.47
N GLN B 12 2.76 -6.56 1.52
CA GLN B 12 1.37 -6.78 1.80
C GLN B 12 0.66 -7.29 0.55
N ARG B 13 0.84 -6.56 -0.59
CA ARG B 13 0.27 -6.77 -1.88
C ARG B 13 0.92 -8.00 -2.45
N LYS B 14 0.06 -9.01 -2.53
CA LYS B 14 0.22 -10.35 -2.98
C LYS B 14 -0.12 -10.30 -4.47
N ARG B 15 -1.01 -11.19 -4.92
CA ARG B 15 -1.52 -11.35 -6.27
C ARG B 15 -2.39 -10.12 -6.60
N PRO B 16 -2.10 -9.37 -7.73
CA PRO B 16 -2.90 -8.18 -8.05
C PRO B 16 -4.33 -8.51 -8.44
N MET B 1 -8.00 3.93 9.92
CA MET B 1 -6.86 4.90 9.97
C MET B 1 -6.69 5.67 8.65
N PRO B 2 -6.58 7.04 8.67
CA PRO B 2 -6.39 7.79 7.42
C PRO B 2 -4.94 7.62 6.89
N LYS B 3 -4.83 7.37 5.56
CA LYS B 3 -3.58 7.16 4.84
C LYS B 3 -3.13 8.46 4.16
N THR B 4 -1.78 8.63 4.10
CA THR B 4 -1.06 9.74 3.44
C THR B 4 -1.01 9.39 1.96
N ARG B 5 -0.34 8.25 1.63
CA ARG B 5 -0.15 7.60 0.36
C ARG B 5 -1.11 6.43 0.35
N ARG B 6 -2.03 6.38 -0.67
CA ARG B 6 -3.07 5.37 -0.77
C ARG B 6 -2.58 3.97 -1.10
N ARG B 7 -1.92 3.64 -2.29
CA ARG B 7 -1.48 2.27 -2.51
C ARG B 7 -0.45 1.86 -1.45
N PRO B 8 -0.78 0.83 -0.62
CA PRO B 8 0.08 0.37 0.46
C PRO B 8 1.39 -0.28 0.04
N ARG B 9 2.21 -0.58 1.07
CA ARG B 9 3.53 -1.13 1.14
C ARG B 9 3.48 -2.50 0.61
N ARG B 10 4.40 -2.68 -0.29
CA ARG B 10 4.67 -3.81 -1.11
C ARG B 10 4.27 -5.21 -0.59
N SER B 11 4.68 -5.51 0.67
CA SER B 11 4.48 -6.71 1.46
C SER B 11 3.05 -7.27 1.57
N GLN B 12 2.03 -6.37 1.42
CA GLN B 12 0.59 -6.67 1.52
C GLN B 12 -0.03 -7.12 0.22
N ARG B 13 0.43 -6.50 -0.91
CA ARG B 13 0.04 -6.64 -2.29
C ARG B 13 0.42 -8.04 -2.75
N LYS B 14 -0.58 -8.95 -2.57
CA LYS B 14 -0.56 -10.35 -2.83
C LYS B 14 -1.13 -10.61 -4.22
N ARG B 15 -0.27 -11.16 -5.12
CA ARG B 15 -0.56 -11.49 -6.51
C ARG B 15 -0.85 -12.99 -6.69
N PRO B 16 0.01 -13.97 -6.28
CA PRO B 16 -0.28 -15.41 -6.41
C PRO B 16 -1.58 -15.84 -5.74
N MET B 1 -7.42 11.14 7.29
CA MET B 1 -6.46 10.00 7.25
C MET B 1 -5.01 10.45 7.53
N PRO B 2 -4.21 9.67 8.32
CA PRO B 2 -2.81 10.06 8.59
C PRO B 2 -1.91 10.01 7.34
N LYS B 3 -2.11 9.01 6.44
CA LYS B 3 -1.39 8.76 5.21
C LYS B 3 -2.07 9.45 4.02
N THR B 4 -1.23 9.85 3.02
CA THR B 4 -1.64 10.48 1.77
C THR B 4 -1.85 9.33 0.79
N ARG B 5 -0.73 8.64 0.41
CA ARG B 5 -0.64 7.51 -0.50
C ARG B 5 -1.40 6.29 0.00
N ARG B 6 -2.25 5.74 -0.91
CA ARG B 6 -3.12 4.61 -0.68
C ARG B 6 -2.45 3.26 -0.84
N ARG B 7 -2.03 2.82 -2.10
CA ARG B 7 -1.46 1.51 -2.32
C ARG B 7 -0.32 1.21 -1.34
N PRO B 8 -0.55 0.20 -0.47
CA PRO B 8 0.41 -0.11 0.59
C PRO B 8 1.71 -0.73 0.11
N ARG B 9 2.54 -0.95 1.13
CA ARG B 9 3.89 -1.45 1.26
C ARG B 9 3.84 -2.84 0.76
N ARG B 10 4.41 -2.90 -0.43
CA ARG B 10 4.60 -3.97 -1.34
C ARG B 10 4.29 -5.35 -0.81
N SER B 11 5.03 -5.82 0.25
CA SER B 11 4.89 -7.09 0.94
C SER B 11 3.48 -7.63 1.18
N GLN B 12 2.55 -6.69 1.46
CA GLN B 12 1.14 -6.86 1.78
C GLN B 12 0.22 -7.17 0.62
N ARG B 13 0.60 -6.75 -0.63
CA ARG B 13 -0.20 -6.76 -1.80
C ARG B 13 -0.39 -8.15 -2.32
N LYS B 14 0.28 -8.43 -3.45
CA LYS B 14 0.27 -9.63 -4.22
C LYS B 14 1.00 -10.75 -3.48
N ARG B 15 0.20 -11.71 -2.96
CA ARG B 15 0.61 -12.87 -2.18
C ARG B 15 0.74 -14.12 -3.08
N PRO B 16 1.78 -15.00 -2.88
CA PRO B 16 1.92 -16.20 -3.73
C PRO B 16 0.79 -17.19 -3.48
N MET B 1 5.60 13.78 9.76
CA MET B 1 5.14 12.55 9.04
C MET B 1 4.79 12.87 7.58
N PRO B 2 5.17 12.03 6.57
CA PRO B 2 4.81 12.32 5.16
C PRO B 2 3.30 12.26 4.88
N LYS B 3 2.87 12.94 3.78
CA LYS B 3 1.49 13.05 3.30
C LYS B 3 0.91 11.70 2.89
N THR B 4 -0.43 11.54 3.08
CA THR B 4 -1.23 10.35 2.84
C THR B 4 -1.18 9.83 1.41
N ARG B 5 -0.91 8.49 1.34
CA ARG B 5 -0.81 7.65 0.17
C ARG B 5 -2.03 6.74 0.12
N ARG B 6 -1.87 5.37 0.07
CA ARG B 6 -2.94 4.37 -0.05
C ARG B 6 -2.40 2.93 -0.11
N ARG B 7 -1.96 2.43 -1.33
CA ARG B 7 -1.46 1.15 -1.71
C ARG B 7 -0.27 0.83 -0.83
N PRO B 8 -0.41 -0.21 0.00
CA PRO B 8 0.63 -0.55 0.96
C PRO B 8 1.92 -1.08 0.34
N ARG B 9 2.84 -1.39 1.26
CA ARG B 9 4.20 -1.87 1.24
C ARG B 9 4.05 -3.24 0.70
N ARG B 10 4.42 -3.28 -0.58
CA ARG B 10 4.41 -4.32 -1.56
C ARG B 10 4.15 -5.75 -1.11
N SER B 11 4.85 -6.21 -0.04
CA SER B 11 4.78 -7.49 0.67
C SER B 11 3.37 -8.05 0.89
N GLN B 12 2.41 -7.11 0.98
CA GLN B 12 1.00 -7.15 1.21
C GLN B 12 0.28 -7.63 -0.06
N ARG B 13 0.46 -6.83 -1.14
CA ARG B 13 -0.12 -6.81 -2.44
C ARG B 13 0.18 -8.10 -3.14
N LYS B 14 -0.87 -8.92 -3.12
CA LYS B 14 -0.97 -10.24 -3.62
C LYS B 14 -1.73 -10.15 -4.94
N ARG B 15 -0.99 -10.39 -6.06
CA ARG B 15 -1.43 -10.36 -7.45
C ARG B 15 -1.89 -11.76 -7.90
N PRO B 16 -2.87 -11.86 -8.86
CA PRO B 16 -3.33 -13.17 -9.34
C PRO B 16 -2.23 -13.90 -10.12
#